data_1QJL
# 
_entry.id   1QJL 
# 
_audit_conform.dict_name       mmcif_pdbx.dic 
_audit_conform.dict_version    5.392 
_audit_conform.dict_location   http://mmcif.pdb.org/dictionaries/ascii/mmcif_pdbx.dic 
# 
loop_
_database_2.database_id 
_database_2.database_code 
_database_2.pdbx_database_accession 
_database_2.pdbx_DOI 
PDB   1QJL         pdb_00001qjl 10.2210/pdb1qjl/pdb 
PDBE  EBI-2875     ?            ?                   
WWPDB D_1290002875 ?            ?                   
# 
loop_
_pdbx_audit_revision_history.ordinal 
_pdbx_audit_revision_history.data_content_type 
_pdbx_audit_revision_history.major_revision 
_pdbx_audit_revision_history.minor_revision 
_pdbx_audit_revision_history.revision_date 
1 'Structure model' 1 0 1999-08-31 
2 'Structure model' 1 1 2011-05-08 
3 'Structure model' 1 2 2011-07-13 
4 'Structure model' 1 3 2019-01-16 
5 'Structure model' 1 4 2024-05-15 
# 
_pdbx_audit_revision_details.ordinal             1 
_pdbx_audit_revision_details.revision_ordinal    1 
_pdbx_audit_revision_details.data_content_type   'Structure model' 
_pdbx_audit_revision_details.provider            repository 
_pdbx_audit_revision_details.type                'Initial release' 
_pdbx_audit_revision_details.description         ? 
_pdbx_audit_revision_details.details             ? 
# 
loop_
_pdbx_audit_revision_group.ordinal 
_pdbx_audit_revision_group.revision_ordinal 
_pdbx_audit_revision_group.data_content_type 
_pdbx_audit_revision_group.group 
1 2 'Structure model' 'Version format compliance' 
2 3 'Structure model' 'Version format compliance' 
3 4 'Structure model' 'Data collection'           
4 4 'Structure model' 'Database references'       
5 5 'Structure model' 'Data collection'           
6 5 'Structure model' 'Database references'       
7 5 'Structure model' 'Derived calculations'      
8 5 'Structure model' Other                       
# 
loop_
_pdbx_audit_revision_category.ordinal 
_pdbx_audit_revision_category.revision_ordinal 
_pdbx_audit_revision_category.data_content_type 
_pdbx_audit_revision_category.category 
1  4 'Structure model' citation               
2  4 'Structure model' citation_author        
3  5 'Structure model' chem_comp_atom         
4  5 'Structure model' chem_comp_bond         
5  5 'Structure model' database_2             
6  5 'Structure model' pdbx_database_status   
7  5 'Structure model' pdbx_nmr_software      
8  5 'Structure model' pdbx_struct_conn_angle 
9  5 'Structure model' struct_conn            
10 5 'Structure model' struct_site            
# 
loop_
_pdbx_audit_revision_item.ordinal 
_pdbx_audit_revision_item.revision_ordinal 
_pdbx_audit_revision_item.data_content_type 
_pdbx_audit_revision_item.item 
1  4 'Structure model' '_citation.journal_abbrev'                    
2  4 'Structure model' '_citation.page_last'                         
3  4 'Structure model' '_citation.pdbx_database_id_DOI'              
4  4 'Structure model' '_citation.title'                             
5  4 'Structure model' '_citation_author.name'                       
6  5 'Structure model' '_database_2.pdbx_DOI'                        
7  5 'Structure model' '_database_2.pdbx_database_accession'         
8  5 'Structure model' '_pdbx_database_status.status_code_mr'        
9  5 'Structure model' '_pdbx_nmr_software.name'                     
10 5 'Structure model' '_pdbx_struct_conn_angle.ptnr1_auth_seq_id'   
11 5 'Structure model' '_pdbx_struct_conn_angle.ptnr1_label_seq_id'  
12 5 'Structure model' '_pdbx_struct_conn_angle.ptnr2_auth_seq_id'   
13 5 'Structure model' '_pdbx_struct_conn_angle.ptnr2_label_asym_id' 
14 5 'Structure model' '_pdbx_struct_conn_angle.ptnr3_auth_seq_id'   
15 5 'Structure model' '_pdbx_struct_conn_angle.ptnr3_label_seq_id'  
16 5 'Structure model' '_pdbx_struct_conn_angle.value'               
17 5 'Structure model' '_struct_conn.pdbx_dist_value'                
18 5 'Structure model' '_struct_conn.ptnr1_auth_comp_id'             
19 5 'Structure model' '_struct_conn.ptnr1_auth_seq_id'              
20 5 'Structure model' '_struct_conn.ptnr1_label_asym_id'            
21 5 'Structure model' '_struct_conn.ptnr1_label_atom_id'            
22 5 'Structure model' '_struct_conn.ptnr1_label_comp_id'            
23 5 'Structure model' '_struct_conn.ptnr1_label_seq_id'             
24 5 'Structure model' '_struct_conn.ptnr2_auth_comp_id'             
25 5 'Structure model' '_struct_conn.ptnr2_auth_seq_id'              
26 5 'Structure model' '_struct_conn.ptnr2_label_asym_id'            
27 5 'Structure model' '_struct_conn.ptnr2_label_atom_id'            
28 5 'Structure model' '_struct_conn.ptnr2_label_comp_id'            
29 5 'Structure model' '_struct_conn.ptnr2_label_seq_id'             
30 5 'Structure model' '_struct_site.pdbx_auth_asym_id'              
31 5 'Structure model' '_struct_site.pdbx_auth_comp_id'              
32 5 'Structure model' '_struct_site.pdbx_auth_seq_id'               
# 
_pdbx_database_status.status_code                     REL 
_pdbx_database_status.entry_id                        1QJL 
_pdbx_database_status.deposit_site                    PDBE 
_pdbx_database_status.process_site                    PDBE 
_pdbx_database_status.SG_entry                        . 
_pdbx_database_status.recvd_initial_deposition_date   1999-06-24 
_pdbx_database_status.pdb_format_compatible           Y 
_pdbx_database_status.status_code_sf                  ? 
_pdbx_database_status.status_code_mr                  REL 
_pdbx_database_status.status_code_cs                  ? 
_pdbx_database_status.methods_development_category    ? 
_pdbx_database_status.status_code_nmr_data            ? 
# 
loop_
_pdbx_database_related.db_name 
_pdbx_database_related.db_id 
_pdbx_database_related.content_type 
_pdbx_database_related.details 
PDB 4MT2 unspecified .                                                                      
PDB 1QJK unspecified 'THE NMR CHEMICAL SHIFTS ARE DEPOSITED WITH THE BIOMAGRESBANK (BMRB).' 
# 
loop_
_audit_author.name 
_audit_author.pdbx_ordinal 
'Riek, R.'      1 
'Precheur, B.'  2 
'Wang, Y.'      3 
'Mackay, E.A.'  4 
'Wider, G.'     5 
'Guntert, P.'   6 
'Liu, A.'       7 
'Kaegi, J.H.R.' 8 
'Wuthrich, K.'  9 
# 
loop_
_citation.id 
_citation.title 
_citation.journal_abbrev 
_citation.journal_volume 
_citation.page_first 
_citation.page_last 
_citation.year 
_citation.journal_id_ASTM 
_citation.country 
_citation.journal_id_ISSN 
_citation.journal_id_CSD 
_citation.book_publisher 
_citation.pdbx_database_id_PubMed 
_citation.pdbx_database_id_DOI 
primary 'NMR structure of the sea urchin (Strongylocentrotus purpuratus) metallothionein MTA.' 'J. Mol. Biol.' 291 417 428 1999 
JMOBAK UK 0022-2836 0070 ? 10438629 10.1006/jmbi.1999.2967         
1       
'Three-Dimensional Structure of Human [113Cd7]-Metallothionein-2 in Solution Determined by Nuclear Magnetic Resonance Spectroscopy' 
J.Mol.Biol.     214 765 ?   1990 JMOBAK UK 0022-2836 0070 ? 2388267  '10.1016/0022-2836(90)90291-S' 
# 
loop_
_citation_author.citation_id 
_citation_author.name 
_citation_author.ordinal 
_citation_author.identifier_ORCID 
primary 'Riek, R.'       1  ? 
primary 'Precheur, B.'   2  ? 
primary 'Wang, Y.'       3  ? 
primary 'Mackay, E.A.'   4  ? 
primary 'Wider, G.'      5  ? 
primary 'Guntert, P.'    6  ? 
primary 'Liu, A.'        7  ? 
primary 'Kagi, J.H.'     8  ? 
primary 'Wuthrich, K.'   9  ? 
1       'Messerle, B.A.' 10 ? 
1       'Schaffer, A.'   11 ? 
1       'Vasak, M.'      12 ? 
1       'Kaegi, J.H.R.'  13 ? 
1       'Wuthrich, K.'   14 ? 
# 
loop_
_entity.id 
_entity.type 
_entity.src_method 
_entity.pdbx_description 
_entity.formula_weight 
_entity.pdbx_number_of_molecules 
_entity.pdbx_ec 
_entity.pdbx_mutation 
_entity.pdbx_fragment 
_entity.details 
1 polymer     man METALLOTHIONEIN 2678.121 1 ? ? 'BETA DOMAIN' 'CADMIUM 3-METAL CLUSTER' 
2 non-polymer syn 'CADMIUM ION'   112.411  3 ? ? ?             ?                         
# 
_entity_poly.entity_id                      1 
_entity_poly.type                           'polypeptide(L)' 
_entity_poly.nstd_linkage                   no 
_entity_poly.nstd_monomer                   no 
_entity_poly.pdbx_seq_one_letter_code       ICTNAACKCANGCKCGSGCSCTEGNCAC 
_entity_poly.pdbx_seq_one_letter_code_can   ICTNAACKCANGCKCGSGCSCTEGNCAC 
_entity_poly.pdbx_strand_id                 A 
_entity_poly.pdbx_target_identifier         ? 
# 
_pdbx_entity_nonpoly.entity_id   2 
_pdbx_entity_nonpoly.name        'CADMIUM ION' 
_pdbx_entity_nonpoly.comp_id     CD 
# 
loop_
_entity_poly_seq.entity_id 
_entity_poly_seq.num 
_entity_poly_seq.mon_id 
_entity_poly_seq.hetero 
1 1  ILE n 
1 2  CYS n 
1 3  THR n 
1 4  ASN n 
1 5  ALA n 
1 6  ALA n 
1 7  CYS n 
1 8  LYS n 
1 9  CYS n 
1 10 ALA n 
1 11 ASN n 
1 12 GLY n 
1 13 CYS n 
1 14 LYS n 
1 15 CYS n 
1 16 GLY n 
1 17 SER n 
1 18 GLY n 
1 19 CYS n 
1 20 SER n 
1 21 CYS n 
1 22 THR n 
1 23 GLU n 
1 24 GLY n 
1 25 ASN n 
1 26 CYS n 
1 27 ALA n 
1 28 CYS n 
# 
_entity_src_gen.entity_id                          1 
_entity_src_gen.pdbx_src_id                        1 
_entity_src_gen.pdbx_alt_source_flag               sample 
_entity_src_gen.pdbx_seq_type                      ? 
_entity_src_gen.pdbx_beg_seq_num                   ? 
_entity_src_gen.pdbx_end_seq_num                   ? 
_entity_src_gen.gene_src_common_name               'PURPLE SEA URCHIN' 
_entity_src_gen.gene_src_genus                     ? 
_entity_src_gen.pdbx_gene_src_gene                 ? 
_entity_src_gen.gene_src_species                   ? 
_entity_src_gen.gene_src_strain                    ? 
_entity_src_gen.gene_src_tissue                    ? 
_entity_src_gen.gene_src_tissue_fraction           ? 
_entity_src_gen.gene_src_details                   ? 
_entity_src_gen.pdbx_gene_src_fragment             ? 
_entity_src_gen.pdbx_gene_src_scientific_name      'STRONGYLOCENTROTUS PURPURATUS' 
_entity_src_gen.pdbx_gene_src_ncbi_taxonomy_id     7668 
_entity_src_gen.pdbx_gene_src_variant              ? 
_entity_src_gen.pdbx_gene_src_cell_line            ? 
_entity_src_gen.pdbx_gene_src_atcc                 ? 
_entity_src_gen.pdbx_gene_src_organ                ? 
_entity_src_gen.pdbx_gene_src_organelle            ? 
_entity_src_gen.pdbx_gene_src_cell                 ? 
_entity_src_gen.pdbx_gene_src_cellular_location    ? 
_entity_src_gen.host_org_common_name               ? 
_entity_src_gen.pdbx_host_org_scientific_name      'ESCHERICHIA COLI' 
_entity_src_gen.pdbx_host_org_ncbi_taxonomy_id     469008 
_entity_src_gen.host_org_genus                     ? 
_entity_src_gen.pdbx_host_org_gene                 ? 
_entity_src_gen.pdbx_host_org_organ                ? 
_entity_src_gen.host_org_species                   ? 
_entity_src_gen.pdbx_host_org_tissue               ? 
_entity_src_gen.pdbx_host_org_tissue_fraction      ? 
_entity_src_gen.pdbx_host_org_strain               'BL21(DE3)' 
_entity_src_gen.pdbx_host_org_variant              ? 
_entity_src_gen.pdbx_host_org_cell_line            ? 
_entity_src_gen.pdbx_host_org_atcc                 ? 
_entity_src_gen.pdbx_host_org_culture_collection   ? 
_entity_src_gen.pdbx_host_org_cell                 ? 
_entity_src_gen.pdbx_host_org_organelle            ? 
_entity_src_gen.pdbx_host_org_cellular_location    ? 
_entity_src_gen.pdbx_host_org_vector_type          ? 
_entity_src_gen.pdbx_host_org_vector               ? 
_entity_src_gen.host_org_details                   ? 
_entity_src_gen.expression_system_id               ? 
_entity_src_gen.plasmid_name                       ? 
_entity_src_gen.plasmid_details                    ? 
_entity_src_gen.pdbx_description                   ? 
# 
loop_
_chem_comp.id 
_chem_comp.type 
_chem_comp.mon_nstd_flag 
_chem_comp.name 
_chem_comp.pdbx_synonyms 
_chem_comp.formula 
_chem_comp.formula_weight 
ALA 'L-peptide linking' y ALANINE         ? 'C3 H7 N O2'     89.093  
ASN 'L-peptide linking' y ASPARAGINE      ? 'C4 H8 N2 O3'    132.118 
CD  non-polymer         . 'CADMIUM ION'   ? 'Cd 2'           112.411 
CYS 'L-peptide linking' y CYSTEINE        ? 'C3 H7 N O2 S'   121.158 
GLU 'L-peptide linking' y 'GLUTAMIC ACID' ? 'C5 H9 N O4'     147.129 
GLY 'peptide linking'   y GLYCINE         ? 'C2 H5 N O2'     75.067  
ILE 'L-peptide linking' y ISOLEUCINE      ? 'C6 H13 N O2'    131.173 
LYS 'L-peptide linking' y LYSINE          ? 'C6 H15 N2 O2 1' 147.195 
SER 'L-peptide linking' y SERINE          ? 'C3 H7 N O3'     105.093 
THR 'L-peptide linking' y THREONINE       ? 'C4 H9 N O3'     119.119 
# 
loop_
_pdbx_poly_seq_scheme.asym_id 
_pdbx_poly_seq_scheme.entity_id 
_pdbx_poly_seq_scheme.seq_id 
_pdbx_poly_seq_scheme.mon_id 
_pdbx_poly_seq_scheme.ndb_seq_num 
_pdbx_poly_seq_scheme.pdb_seq_num 
_pdbx_poly_seq_scheme.auth_seq_num 
_pdbx_poly_seq_scheme.pdb_mon_id 
_pdbx_poly_seq_scheme.auth_mon_id 
_pdbx_poly_seq_scheme.pdb_strand_id 
_pdbx_poly_seq_scheme.pdb_ins_code 
_pdbx_poly_seq_scheme.hetero 
A 1 1  ILE 1  37 37 ILE ILE A . n 
A 1 2  CYS 2  38 38 CYS CYS A . n 
A 1 3  THR 3  39 39 THR THR A . n 
A 1 4  ASN 4  40 40 ASN ASN A . n 
A 1 5  ALA 5  41 41 ALA ALA A . n 
A 1 6  ALA 6  42 42 ALA ALA A . n 
A 1 7  CYS 7  43 43 CYS CYS A . n 
A 1 8  LYS 8  44 44 LYS LYS A . n 
A 1 9  CYS 9  45 45 CYS CYS A . n 
A 1 10 ALA 10 46 46 ALA ALA A . n 
A 1 11 ASN 11 47 47 ASN ASN A . n 
A 1 12 GLY 12 48 48 GLY GLY A . n 
A 1 13 CYS 13 49 49 CYS CYS A . n 
A 1 14 LYS 14 50 50 LYS LYS A . n 
A 1 15 CYS 15 51 51 CYS CYS A . n 
A 1 16 GLY 16 52 52 GLY GLY A . n 
A 1 17 SER 17 53 53 SER SER A . n 
A 1 18 GLY 18 54 54 GLY GLY A . n 
A 1 19 CYS 19 55 55 CYS CYS A . n 
A 1 20 SER 20 56 56 SER SER A . n 
A 1 21 CYS 21 57 57 CYS CYS A . n 
A 1 22 THR 22 58 58 THR THR A . n 
A 1 23 GLU 23 59 59 GLU GLU A . n 
A 1 24 GLY 24 60 60 GLY GLY A . n 
A 1 25 ASN 25 61 61 ASN ASN A . n 
A 1 26 CYS 26 62 62 CYS CYS A . n 
A 1 27 ALA 27 63 63 ALA ALA A . n 
A 1 28 CYS 28 64 64 CYS CYS A . n 
# 
loop_
_pdbx_nonpoly_scheme.asym_id 
_pdbx_nonpoly_scheme.entity_id 
_pdbx_nonpoly_scheme.mon_id 
_pdbx_nonpoly_scheme.ndb_seq_num 
_pdbx_nonpoly_scheme.pdb_seq_num 
_pdbx_nonpoly_scheme.auth_seq_num 
_pdbx_nonpoly_scheme.pdb_mon_id 
_pdbx_nonpoly_scheme.auth_mon_id 
_pdbx_nonpoly_scheme.pdb_strand_id 
_pdbx_nonpoly_scheme.pdb_ins_code 
B 2 CD 1 101 101 CD CD A . 
C 2 CD 1 102 102 CD CD A . 
D 2 CD 1 103 103 CD CD A . 
# 
_cell.entry_id           1QJL 
_cell.length_a           1.000 
_cell.length_b           1.000 
_cell.length_c           1.000 
_cell.angle_alpha        90.00 
_cell.angle_beta         90.00 
_cell.angle_gamma        90.00 
_cell.Z_PDB              1 
_cell.pdbx_unique_axis   ? 
# 
_symmetry.entry_id                         1QJL 
_symmetry.space_group_name_H-M             'P 1' 
_symmetry.pdbx_full_space_group_name_H-M   ? 
_symmetry.cell_setting                     ? 
_symmetry.Int_Tables_number                1 
# 
_exptl.entry_id          1QJL 
_exptl.method            'SOLUTION NMR' 
_exptl.crystals_number   ? 
# 
_struct.entry_id                  1QJL 
_struct.title                     'METALLOTHIONEIN MTA FROM SEA URCHIN (BETA DOMAIN)' 
_struct.pdbx_model_details        ? 
_struct.pdbx_CASP_flag            ? 
_struct.pdbx_model_type_details   'MINIMIZED AVERAGE' 
# 
_struct_keywords.entry_id        1QJL 
_struct_keywords.pdbx_keywords   METALLOTHIONEIN 
_struct_keywords.text            'METALLOTHIONEIN, METAL-BINDING, DETOXIFICATION, RADICAL SCAVENGER' 
# 
loop_
_struct_asym.id 
_struct_asym.pdbx_blank_PDB_chainid_flag 
_struct_asym.pdbx_modified 
_struct_asym.entity_id 
_struct_asym.details 
A N N 1 ? 
B N N 2 ? 
C N N 2 ? 
D N N 2 ? 
# 
_struct_ref.id                         1 
_struct_ref.db_name                    UNP 
_struct_ref.db_code                    MTA_STRPU 
_struct_ref.entity_id                  1 
_struct_ref.pdbx_seq_one_letter_code   ? 
_struct_ref.pdbx_align_begin           ? 
_struct_ref.pdbx_db_accession          P04734 
_struct_ref.pdbx_db_isoform            ? 
# 
_struct_ref_seq.align_id                      1 
_struct_ref_seq.ref_id                        1 
_struct_ref_seq.pdbx_PDB_id_code              1QJL 
_struct_ref_seq.pdbx_strand_id                A 
_struct_ref_seq.seq_align_beg                 1 
_struct_ref_seq.pdbx_seq_align_beg_ins_code   ? 
_struct_ref_seq.seq_align_end                 28 
_struct_ref_seq.pdbx_seq_align_end_ins_code   ? 
_struct_ref_seq.pdbx_db_accession             P04734 
_struct_ref_seq.db_align_beg                  37 
_struct_ref_seq.pdbx_db_align_beg_ins_code    ? 
_struct_ref_seq.db_align_end                  64 
_struct_ref_seq.pdbx_db_align_end_ins_code    ? 
_struct_ref_seq.pdbx_auth_seq_align_beg       37 
_struct_ref_seq.pdbx_auth_seq_align_end       64 
# 
_pdbx_struct_assembly.id                   1 
_pdbx_struct_assembly.details              author_defined_assembly 
_pdbx_struct_assembly.method_details       ? 
_pdbx_struct_assembly.oligomeric_details   monomeric 
_pdbx_struct_assembly.oligomeric_count     1 
# 
_pdbx_struct_assembly_gen.assembly_id       1 
_pdbx_struct_assembly_gen.oper_expression   1 
_pdbx_struct_assembly_gen.asym_id_list      A,B,C,D 
# 
_pdbx_struct_oper_list.id                   1 
_pdbx_struct_oper_list.type                 'identity operation' 
_pdbx_struct_oper_list.name                 1_555 
_pdbx_struct_oper_list.symmetry_operation   x,y,z 
_pdbx_struct_oper_list.matrix[1][1]         1.0000000000 
_pdbx_struct_oper_list.matrix[1][2]         0.0000000000 
_pdbx_struct_oper_list.matrix[1][3]         0.0000000000 
_pdbx_struct_oper_list.vector[1]            0.0000000000 
_pdbx_struct_oper_list.matrix[2][1]         0.0000000000 
_pdbx_struct_oper_list.matrix[2][2]         1.0000000000 
_pdbx_struct_oper_list.matrix[2][3]         0.0000000000 
_pdbx_struct_oper_list.vector[2]            0.0000000000 
_pdbx_struct_oper_list.matrix[3][1]         0.0000000000 
_pdbx_struct_oper_list.matrix[3][2]         0.0000000000 
_pdbx_struct_oper_list.matrix[3][3]         1.0000000000 
_pdbx_struct_oper_list.vector[3]            0.0000000000 
# 
loop_
_struct_conn.id 
_struct_conn.conn_type_id 
_struct_conn.pdbx_leaving_atom_flag 
_struct_conn.pdbx_PDB_id 
_struct_conn.ptnr1_label_asym_id 
_struct_conn.ptnr1_label_comp_id 
_struct_conn.ptnr1_label_seq_id 
_struct_conn.ptnr1_label_atom_id 
_struct_conn.pdbx_ptnr1_label_alt_id 
_struct_conn.pdbx_ptnr1_PDB_ins_code 
_struct_conn.pdbx_ptnr1_standard_comp_id 
_struct_conn.ptnr1_symmetry 
_struct_conn.ptnr2_label_asym_id 
_struct_conn.ptnr2_label_comp_id 
_struct_conn.ptnr2_label_seq_id 
_struct_conn.ptnr2_label_atom_id 
_struct_conn.pdbx_ptnr2_label_alt_id 
_struct_conn.pdbx_ptnr2_PDB_ins_code 
_struct_conn.ptnr1_auth_asym_id 
_struct_conn.ptnr1_auth_comp_id 
_struct_conn.ptnr1_auth_seq_id 
_struct_conn.ptnr2_auth_asym_id 
_struct_conn.ptnr2_auth_comp_id 
_struct_conn.ptnr2_auth_seq_id 
_struct_conn.ptnr2_symmetry 
_struct_conn.pdbx_ptnr3_label_atom_id 
_struct_conn.pdbx_ptnr3_label_seq_id 
_struct_conn.pdbx_ptnr3_label_comp_id 
_struct_conn.pdbx_ptnr3_label_asym_id 
_struct_conn.pdbx_ptnr3_label_alt_id 
_struct_conn.pdbx_ptnr3_PDB_ins_code 
_struct_conn.details 
_struct_conn.pdbx_dist_value 
_struct_conn.pdbx_value_order 
_struct_conn.pdbx_role 
metalc1  metalc ? ? A CYS 2  SG ? ? ? 1_555 C CD . CD ? ? A CYS 38 A CD 102 1_555 ? ? ? ? ? ? ? 2.577 ? ? 
metalc2  metalc ? ? A CYS 7  SG ? ? ? 1_555 C CD . CD ? ? A CYS 43 A CD 102 1_555 ? ? ? ? ? ? ? 2.600 ? ? 
metalc3  metalc ? ? A CYS 7  SG ? ? ? 1_555 D CD . CD ? ? A CYS 43 A CD 103 1_555 ? ? ? ? ? ? ? 2.688 ? ? 
metalc4  metalc ? ? A CYS 9  SG ? ? ? 1_555 B CD . CD ? ? A CYS 45 A CD 101 1_555 ? ? ? ? ? ? ? 2.600 ? ? 
metalc5  metalc ? ? A CYS 13 SG ? ? ? 1_555 B CD . CD ? ? A CYS 49 A CD 101 1_555 ? ? ? ? ? ? ? 2.541 ? ? 
metalc6  metalc ? ? A CYS 15 SG ? ? ? 1_555 B CD . CD ? ? A CYS 51 A CD 101 1_555 ? ? ? ? ? ? ? 2.603 ? ? 
metalc7  metalc ? ? A CYS 15 SG ? ? ? 1_555 C CD . CD ? ? A CYS 51 A CD 102 1_555 ? ? ? ? ? ? ? 2.636 ? ? 
metalc8  metalc ? ? A CYS 19 SG ? ? ? 1_555 C CD . CD ? ? A CYS 55 A CD 102 1_555 ? ? ? ? ? ? ? 2.600 ? ? 
metalc9  metalc ? ? A CYS 21 SG ? ? ? 1_555 D CD . CD ? ? A CYS 57 A CD 103 1_555 ? ? ? ? ? ? ? 2.600 ? ? 
metalc10 metalc ? ? A CYS 26 SG ? ? ? 1_555 D CD . CD ? ? A CYS 62 A CD 103 1_555 ? ? ? ? ? ? ? 2.541 ? ? 
metalc11 metalc ? ? A CYS 28 SG ? ? ? 1_555 B CD . CD ? ? A CYS 64 A CD 101 1_555 ? ? ? ? ? ? ? 2.698 ? ? 
metalc12 metalc ? ? A CYS 28 SG ? ? ? 1_555 D CD . CD ? ? A CYS 64 A CD 103 1_555 ? ? ? ? ? ? ? 2.591 ? ? 
# 
_struct_conn_type.id          metalc 
_struct_conn_type.criteria    ? 
_struct_conn_type.reference   ? 
# 
loop_
_pdbx_struct_conn_angle.id 
_pdbx_struct_conn_angle.ptnr1_label_atom_id 
_pdbx_struct_conn_angle.ptnr1_label_alt_id 
_pdbx_struct_conn_angle.ptnr1_label_asym_id 
_pdbx_struct_conn_angle.ptnr1_label_comp_id 
_pdbx_struct_conn_angle.ptnr1_label_seq_id 
_pdbx_struct_conn_angle.ptnr1_auth_atom_id 
_pdbx_struct_conn_angle.ptnr1_auth_asym_id 
_pdbx_struct_conn_angle.ptnr1_auth_comp_id 
_pdbx_struct_conn_angle.ptnr1_auth_seq_id 
_pdbx_struct_conn_angle.ptnr1_PDB_ins_code 
_pdbx_struct_conn_angle.ptnr1_symmetry 
_pdbx_struct_conn_angle.ptnr2_label_atom_id 
_pdbx_struct_conn_angle.ptnr2_label_alt_id 
_pdbx_struct_conn_angle.ptnr2_label_asym_id 
_pdbx_struct_conn_angle.ptnr2_label_comp_id 
_pdbx_struct_conn_angle.ptnr2_label_seq_id 
_pdbx_struct_conn_angle.ptnr2_auth_atom_id 
_pdbx_struct_conn_angle.ptnr2_auth_asym_id 
_pdbx_struct_conn_angle.ptnr2_auth_comp_id 
_pdbx_struct_conn_angle.ptnr2_auth_seq_id 
_pdbx_struct_conn_angle.ptnr2_PDB_ins_code 
_pdbx_struct_conn_angle.ptnr2_symmetry 
_pdbx_struct_conn_angle.ptnr3_label_atom_id 
_pdbx_struct_conn_angle.ptnr3_label_alt_id 
_pdbx_struct_conn_angle.ptnr3_label_asym_id 
_pdbx_struct_conn_angle.ptnr3_label_comp_id 
_pdbx_struct_conn_angle.ptnr3_label_seq_id 
_pdbx_struct_conn_angle.ptnr3_auth_atom_id 
_pdbx_struct_conn_angle.ptnr3_auth_asym_id 
_pdbx_struct_conn_angle.ptnr3_auth_comp_id 
_pdbx_struct_conn_angle.ptnr3_auth_seq_id 
_pdbx_struct_conn_angle.ptnr3_PDB_ins_code 
_pdbx_struct_conn_angle.ptnr3_symmetry 
_pdbx_struct_conn_angle.value 
_pdbx_struct_conn_angle.value_esd 
1  SG ? A CYS 2  ? A CYS 38 ? 1_555 CD ? C CD . ? A CD 102 ? 1_555 SG ? A CYS 7  ? A CYS 43 ? 1_555 102.8 ? 
2  SG ? A CYS 2  ? A CYS 38 ? 1_555 CD ? C CD . ? A CD 102 ? 1_555 SG ? A CYS 15 ? A CYS 51 ? 1_555 117.4 ? 
3  SG ? A CYS 7  ? A CYS 43 ? 1_555 CD ? C CD . ? A CD 102 ? 1_555 SG ? A CYS 15 ? A CYS 51 ? 1_555 113.0 ? 
4  SG ? A CYS 2  ? A CYS 38 ? 1_555 CD ? C CD . ? A CD 102 ? 1_555 SG ? A CYS 19 ? A CYS 55 ? 1_555 102.9 ? 
5  SG ? A CYS 7  ? A CYS 43 ? 1_555 CD ? C CD . ? A CD 102 ? 1_555 SG ? A CYS 19 ? A CYS 55 ? 1_555 102.3 ? 
6  SG ? A CYS 15 ? A CYS 51 ? 1_555 CD ? C CD . ? A CD 102 ? 1_555 SG ? A CYS 19 ? A CYS 55 ? 1_555 116.4 ? 
7  SG ? A CYS 7  ? A CYS 43 ? 1_555 CD ? D CD . ? A CD 103 ? 1_555 SG ? A CYS 21 ? A CYS 57 ? 1_555 99.5  ? 
8  SG ? A CYS 7  ? A CYS 43 ? 1_555 CD ? D CD . ? A CD 103 ? 1_555 SG ? A CYS 26 ? A CYS 62 ? 1_555 111.7 ? 
9  SG ? A CYS 21 ? A CYS 57 ? 1_555 CD ? D CD . ? A CD 103 ? 1_555 SG ? A CYS 26 ? A CYS 62 ? 1_555 103.8 ? 
10 SG ? A CYS 7  ? A CYS 43 ? 1_555 CD ? D CD . ? A CD 103 ? 1_555 SG ? A CYS 28 ? A CYS 64 ? 1_555 115.2 ? 
11 SG ? A CYS 21 ? A CYS 57 ? 1_555 CD ? D CD . ? A CD 103 ? 1_555 SG ? A CYS 28 ? A CYS 64 ? 1_555 102.5 ? 
12 SG ? A CYS 26 ? A CYS 62 ? 1_555 CD ? D CD . ? A CD 103 ? 1_555 SG ? A CYS 28 ? A CYS 64 ? 1_555 120.4 ? 
13 SG ? A CYS 9  ? A CYS 45 ? 1_555 CD ? B CD . ? A CD 101 ? 1_555 SG ? A CYS 13 ? A CYS 49 ? 1_555 103.9 ? 
14 SG ? A CYS 9  ? A CYS 45 ? 1_555 CD ? B CD . ? A CD 101 ? 1_555 SG ? A CYS 15 ? A CYS 51 ? 1_555 117.2 ? 
15 SG ? A CYS 13 ? A CYS 49 ? 1_555 CD ? B CD . ? A CD 101 ? 1_555 SG ? A CYS 15 ? A CYS 51 ? 1_555 117.6 ? 
16 SG ? A CYS 9  ? A CYS 45 ? 1_555 CD ? B CD . ? A CD 101 ? 1_555 SG ? A CYS 28 ? A CYS 64 ? 1_555 99.5  ? 
17 SG ? A CYS 13 ? A CYS 49 ? 1_555 CD ? B CD . ? A CD 101 ? 1_555 SG ? A CYS 28 ? A CYS 64 ? 1_555 116.3 ? 
18 SG ? A CYS 15 ? A CYS 51 ? 1_555 CD ? B CD . ? A CD 101 ? 1_555 SG ? A CYS 28 ? A CYS 64 ? 1_555 101.4 ? 
# 
loop_
_struct_site.id 
_struct_site.pdbx_evidence_code 
_struct_site.pdbx_auth_asym_id 
_struct_site.pdbx_auth_comp_id 
_struct_site.pdbx_auth_seq_id 
_struct_site.pdbx_auth_ins_code 
_struct_site.pdbx_num_residues 
_struct_site.details 
AC1 Software A CD 101 ? 4 'BINDING SITE FOR RESIDUE CD A 101' 
AC2 Software A CD 102 ? 4 'BINDING SITE FOR RESIDUE CD A 102' 
AC3 Software A CD 103 ? 4 'BINDING SITE FOR RESIDUE CD A 103' 
# 
loop_
_struct_site_gen.id 
_struct_site_gen.site_id 
_struct_site_gen.pdbx_num_res 
_struct_site_gen.label_comp_id 
_struct_site_gen.label_asym_id 
_struct_site_gen.label_seq_id 
_struct_site_gen.pdbx_auth_ins_code 
_struct_site_gen.auth_comp_id 
_struct_site_gen.auth_asym_id 
_struct_site_gen.auth_seq_id 
_struct_site_gen.label_atom_id 
_struct_site_gen.label_alt_id 
_struct_site_gen.symmetry 
_struct_site_gen.details 
1  AC1 4 CYS A 9  ? CYS A 45 . ? 1_555 ? 
2  AC1 4 CYS A 13 ? CYS A 49 . ? 1_555 ? 
3  AC1 4 CYS A 15 ? CYS A 51 . ? 1_555 ? 
4  AC1 4 CYS A 28 ? CYS A 64 . ? 1_555 ? 
5  AC2 4 CYS A 2  ? CYS A 38 . ? 1_555 ? 
6  AC2 4 CYS A 7  ? CYS A 43 . ? 1_555 ? 
7  AC2 4 CYS A 15 ? CYS A 51 . ? 1_555 ? 
8  AC2 4 CYS A 19 ? CYS A 55 . ? 1_555 ? 
9  AC3 4 CYS A 7  ? CYS A 43 . ? 1_555 ? 
10 AC3 4 CYS A 21 ? CYS A 57 . ? 1_555 ? 
11 AC3 4 CYS A 26 ? CYS A 62 . ? 1_555 ? 
12 AC3 4 CYS A 28 ? CYS A 64 . ? 1_555 ? 
# 
loop_
_pdbx_validate_torsion.id 
_pdbx_validate_torsion.PDB_model_num 
_pdbx_validate_torsion.auth_comp_id 
_pdbx_validate_torsion.auth_asym_id 
_pdbx_validate_torsion.auth_seq_id 
_pdbx_validate_torsion.PDB_ins_code 
_pdbx_validate_torsion.label_alt_id 
_pdbx_validate_torsion.phi 
_pdbx_validate_torsion.psi 
1 1 ASN A 40 ? ? -62.06  97.46 
2 1 ASN A 47 ? ? -40.53  98.39 
3 1 LYS A 50 ? ? -94.14  42.12 
4 1 SER A 53 ? ? -150.53 46.07 
5 1 SER A 56 ? ? -155.34 61.10 
# 
_pdbx_nmr_ensemble.entry_id                             1QJL 
_pdbx_nmr_ensemble.conformers_calculated_total_number   20 
_pdbx_nmr_ensemble.conformers_submitted_total_number    1 
_pdbx_nmr_ensemble.conformer_selection_criteria         'LEAST RESTRAINT VIOLATION' 
# 
_pdbx_nmr_sample_details.solution_id      1 
_pdbx_nmr_sample_details.contents         '90% WATER/10% D2O' 
_pdbx_nmr_sample_details.solvent_system   ? 
# 
_pdbx_nmr_exptl_sample_conditions.conditions_id          1 
_pdbx_nmr_exptl_sample_conditions.temperature            288 
_pdbx_nmr_exptl_sample_conditions.pressure_units         atm 
_pdbx_nmr_exptl_sample_conditions.pressure               1 
_pdbx_nmr_exptl_sample_conditions.pH                     7.0 
_pdbx_nmr_exptl_sample_conditions.ionic_strength         '50 MM NACL' 
_pdbx_nmr_exptl_sample_conditions.ionic_strength_units   ? 
_pdbx_nmr_exptl_sample_conditions.pH_units               pH 
_pdbx_nmr_exptl_sample_conditions.temperature_units      K 
_pdbx_nmr_exptl_sample_conditions.label                  ? 
# 
loop_
_pdbx_nmr_exptl.experiment_id 
_pdbx_nmr_exptl.conditions_id 
_pdbx_nmr_exptl.type 
_pdbx_nmr_exptl.solution_id 
1 1 NOESY 1 
2 1 COSY  1 
3 1 TOCSY 1 
# 
_pdbx_nmr_refine.entry_id           1QJL 
_pdbx_nmr_refine.method             'torsion angle dynamics' 
_pdbx_nmr_refine.details            ? 
_pdbx_nmr_refine.software_ordinal   1 
# 
loop_
_pdbx_nmr_software.classification 
_pdbx_nmr_software.name 
_pdbx_nmr_software.version 
_pdbx_nmr_software.authors 
_pdbx_nmr_software.ordinal 
refinement           DYANA '1.1)' GUNTERT 1 
'structure solution' DYANA ?      ?       2 
# 
loop_
_chem_comp_atom.comp_id 
_chem_comp_atom.atom_id 
_chem_comp_atom.type_symbol 
_chem_comp_atom.pdbx_aromatic_flag 
_chem_comp_atom.pdbx_stereo_config 
_chem_comp_atom.pdbx_ordinal 
ALA N    N  N N 1   
ALA CA   C  N S 2   
ALA C    C  N N 3   
ALA O    O  N N 4   
ALA CB   C  N N 5   
ALA OXT  O  N N 6   
ALA H    H  N N 7   
ALA H2   H  N N 8   
ALA HA   H  N N 9   
ALA HB1  H  N N 10  
ALA HB2  H  N N 11  
ALA HB3  H  N N 12  
ALA HXT  H  N N 13  
ASN N    N  N N 14  
ASN CA   C  N S 15  
ASN C    C  N N 16  
ASN O    O  N N 17  
ASN CB   C  N N 18  
ASN CG   C  N N 19  
ASN OD1  O  N N 20  
ASN ND2  N  N N 21  
ASN OXT  O  N N 22  
ASN H    H  N N 23  
ASN H2   H  N N 24  
ASN HA   H  N N 25  
ASN HB2  H  N N 26  
ASN HB3  H  N N 27  
ASN HD21 H  N N 28  
ASN HD22 H  N N 29  
ASN HXT  H  N N 30  
CD  CD   CD N N 31  
CYS N    N  N N 32  
CYS CA   C  N R 33  
CYS C    C  N N 34  
CYS O    O  N N 35  
CYS CB   C  N N 36  
CYS SG   S  N N 37  
CYS OXT  O  N N 38  
CYS H    H  N N 39  
CYS H2   H  N N 40  
CYS HA   H  N N 41  
CYS HB2  H  N N 42  
CYS HB3  H  N N 43  
CYS HG   H  N N 44  
CYS HXT  H  N N 45  
GLU N    N  N N 46  
GLU CA   C  N S 47  
GLU C    C  N N 48  
GLU O    O  N N 49  
GLU CB   C  N N 50  
GLU CG   C  N N 51  
GLU CD   C  N N 52  
GLU OE1  O  N N 53  
GLU OE2  O  N N 54  
GLU OXT  O  N N 55  
GLU H    H  N N 56  
GLU H2   H  N N 57  
GLU HA   H  N N 58  
GLU HB2  H  N N 59  
GLU HB3  H  N N 60  
GLU HG2  H  N N 61  
GLU HG3  H  N N 62  
GLU HE2  H  N N 63  
GLU HXT  H  N N 64  
GLY N    N  N N 65  
GLY CA   C  N N 66  
GLY C    C  N N 67  
GLY O    O  N N 68  
GLY OXT  O  N N 69  
GLY H    H  N N 70  
GLY H2   H  N N 71  
GLY HA2  H  N N 72  
GLY HA3  H  N N 73  
GLY HXT  H  N N 74  
ILE N    N  N N 75  
ILE CA   C  N S 76  
ILE C    C  N N 77  
ILE O    O  N N 78  
ILE CB   C  N S 79  
ILE CG1  C  N N 80  
ILE CG2  C  N N 81  
ILE CD1  C  N N 82  
ILE OXT  O  N N 83  
ILE H    H  N N 84  
ILE H2   H  N N 85  
ILE HA   H  N N 86  
ILE HB   H  N N 87  
ILE HG12 H  N N 88  
ILE HG13 H  N N 89  
ILE HG21 H  N N 90  
ILE HG22 H  N N 91  
ILE HG23 H  N N 92  
ILE HD11 H  N N 93  
ILE HD12 H  N N 94  
ILE HD13 H  N N 95  
ILE HXT  H  N N 96  
LYS N    N  N N 97  
LYS CA   C  N S 98  
LYS C    C  N N 99  
LYS O    O  N N 100 
LYS CB   C  N N 101 
LYS CG   C  N N 102 
LYS CD   C  N N 103 
LYS CE   C  N N 104 
LYS NZ   N  N N 105 
LYS OXT  O  N N 106 
LYS H    H  N N 107 
LYS H2   H  N N 108 
LYS HA   H  N N 109 
LYS HB2  H  N N 110 
LYS HB3  H  N N 111 
LYS HG2  H  N N 112 
LYS HG3  H  N N 113 
LYS HD2  H  N N 114 
LYS HD3  H  N N 115 
LYS HE2  H  N N 116 
LYS HE3  H  N N 117 
LYS HZ1  H  N N 118 
LYS HZ2  H  N N 119 
LYS HZ3  H  N N 120 
LYS HXT  H  N N 121 
SER N    N  N N 122 
SER CA   C  N S 123 
SER C    C  N N 124 
SER O    O  N N 125 
SER CB   C  N N 126 
SER OG   O  N N 127 
SER OXT  O  N N 128 
SER H    H  N N 129 
SER H2   H  N N 130 
SER HA   H  N N 131 
SER HB2  H  N N 132 
SER HB3  H  N N 133 
SER HG   H  N N 134 
SER HXT  H  N N 135 
THR N    N  N N 136 
THR CA   C  N S 137 
THR C    C  N N 138 
THR O    O  N N 139 
THR CB   C  N R 140 
THR OG1  O  N N 141 
THR CG2  C  N N 142 
THR OXT  O  N N 143 
THR H    H  N N 144 
THR H2   H  N N 145 
THR HA   H  N N 146 
THR HB   H  N N 147 
THR HG1  H  N N 148 
THR HG21 H  N N 149 
THR HG22 H  N N 150 
THR HG23 H  N N 151 
THR HXT  H  N N 152 
# 
loop_
_chem_comp_bond.comp_id 
_chem_comp_bond.atom_id_1 
_chem_comp_bond.atom_id_2 
_chem_comp_bond.value_order 
_chem_comp_bond.pdbx_aromatic_flag 
_chem_comp_bond.pdbx_stereo_config 
_chem_comp_bond.pdbx_ordinal 
ALA N   CA   sing N N 1   
ALA N   H    sing N N 2   
ALA N   H2   sing N N 3   
ALA CA  C    sing N N 4   
ALA CA  CB   sing N N 5   
ALA CA  HA   sing N N 6   
ALA C   O    doub N N 7   
ALA C   OXT  sing N N 8   
ALA CB  HB1  sing N N 9   
ALA CB  HB2  sing N N 10  
ALA CB  HB3  sing N N 11  
ALA OXT HXT  sing N N 12  
ASN N   CA   sing N N 13  
ASN N   H    sing N N 14  
ASN N   H2   sing N N 15  
ASN CA  C    sing N N 16  
ASN CA  CB   sing N N 17  
ASN CA  HA   sing N N 18  
ASN C   O    doub N N 19  
ASN C   OXT  sing N N 20  
ASN CB  CG   sing N N 21  
ASN CB  HB2  sing N N 22  
ASN CB  HB3  sing N N 23  
ASN CG  OD1  doub N N 24  
ASN CG  ND2  sing N N 25  
ASN ND2 HD21 sing N N 26  
ASN ND2 HD22 sing N N 27  
ASN OXT HXT  sing N N 28  
CYS N   CA   sing N N 29  
CYS N   H    sing N N 30  
CYS N   H2   sing N N 31  
CYS CA  C    sing N N 32  
CYS CA  CB   sing N N 33  
CYS CA  HA   sing N N 34  
CYS C   O    doub N N 35  
CYS C   OXT  sing N N 36  
CYS CB  SG   sing N N 37  
CYS CB  HB2  sing N N 38  
CYS CB  HB3  sing N N 39  
CYS SG  HG   sing N N 40  
CYS OXT HXT  sing N N 41  
GLU N   CA   sing N N 42  
GLU N   H    sing N N 43  
GLU N   H2   sing N N 44  
GLU CA  C    sing N N 45  
GLU CA  CB   sing N N 46  
GLU CA  HA   sing N N 47  
GLU C   O    doub N N 48  
GLU C   OXT  sing N N 49  
GLU CB  CG   sing N N 50  
GLU CB  HB2  sing N N 51  
GLU CB  HB3  sing N N 52  
GLU CG  CD   sing N N 53  
GLU CG  HG2  sing N N 54  
GLU CG  HG3  sing N N 55  
GLU CD  OE1  doub N N 56  
GLU CD  OE2  sing N N 57  
GLU OE2 HE2  sing N N 58  
GLU OXT HXT  sing N N 59  
GLY N   CA   sing N N 60  
GLY N   H    sing N N 61  
GLY N   H2   sing N N 62  
GLY CA  C    sing N N 63  
GLY CA  HA2  sing N N 64  
GLY CA  HA3  sing N N 65  
GLY C   O    doub N N 66  
GLY C   OXT  sing N N 67  
GLY OXT HXT  sing N N 68  
ILE N   CA   sing N N 69  
ILE N   H    sing N N 70  
ILE N   H2   sing N N 71  
ILE CA  C    sing N N 72  
ILE CA  CB   sing N N 73  
ILE CA  HA   sing N N 74  
ILE C   O    doub N N 75  
ILE C   OXT  sing N N 76  
ILE CB  CG1  sing N N 77  
ILE CB  CG2  sing N N 78  
ILE CB  HB   sing N N 79  
ILE CG1 CD1  sing N N 80  
ILE CG1 HG12 sing N N 81  
ILE CG1 HG13 sing N N 82  
ILE CG2 HG21 sing N N 83  
ILE CG2 HG22 sing N N 84  
ILE CG2 HG23 sing N N 85  
ILE CD1 HD11 sing N N 86  
ILE CD1 HD12 sing N N 87  
ILE CD1 HD13 sing N N 88  
ILE OXT HXT  sing N N 89  
LYS N   CA   sing N N 90  
LYS N   H    sing N N 91  
LYS N   H2   sing N N 92  
LYS CA  C    sing N N 93  
LYS CA  CB   sing N N 94  
LYS CA  HA   sing N N 95  
LYS C   O    doub N N 96  
LYS C   OXT  sing N N 97  
LYS CB  CG   sing N N 98  
LYS CB  HB2  sing N N 99  
LYS CB  HB3  sing N N 100 
LYS CG  CD   sing N N 101 
LYS CG  HG2  sing N N 102 
LYS CG  HG3  sing N N 103 
LYS CD  CE   sing N N 104 
LYS CD  HD2  sing N N 105 
LYS CD  HD3  sing N N 106 
LYS CE  NZ   sing N N 107 
LYS CE  HE2  sing N N 108 
LYS CE  HE3  sing N N 109 
LYS NZ  HZ1  sing N N 110 
LYS NZ  HZ2  sing N N 111 
LYS NZ  HZ3  sing N N 112 
LYS OXT HXT  sing N N 113 
SER N   CA   sing N N 114 
SER N   H    sing N N 115 
SER N   H2   sing N N 116 
SER CA  C    sing N N 117 
SER CA  CB   sing N N 118 
SER CA  HA   sing N N 119 
SER C   O    doub N N 120 
SER C   OXT  sing N N 121 
SER CB  OG   sing N N 122 
SER CB  HB2  sing N N 123 
SER CB  HB3  sing N N 124 
SER OG  HG   sing N N 125 
SER OXT HXT  sing N N 126 
THR N   CA   sing N N 127 
THR N   H    sing N N 128 
THR N   H2   sing N N 129 
THR CA  C    sing N N 130 
THR CA  CB   sing N N 131 
THR CA  HA   sing N N 132 
THR C   O    doub N N 133 
THR C   OXT  sing N N 134 
THR CB  OG1  sing N N 135 
THR CB  CG2  sing N N 136 
THR CB  HB   sing N N 137 
THR OG1 HG1  sing N N 138 
THR CG2 HG21 sing N N 139 
THR CG2 HG22 sing N N 140 
THR CG2 HG23 sing N N 141 
THR OXT HXT  sing N N 142 
# 
loop_
_pdbx_nmr_spectrometer.spectrometer_id 
_pdbx_nmr_spectrometer.model 
_pdbx_nmr_spectrometer.manufacturer 
_pdbx_nmr_spectrometer.field_strength 
_pdbx_nmr_spectrometer.type 
1 UNITYPLUS Varian 750 ? 
2 AMX       Bruker 500 ? 
# 
_atom_sites.entry_id                    1QJL 
_atom_sites.fract_transf_matrix[1][1]   1.000000 
_atom_sites.fract_transf_matrix[1][2]   0.000000 
_atom_sites.fract_transf_matrix[1][3]   0.000000 
_atom_sites.fract_transf_matrix[2][1]   0.000000 
_atom_sites.fract_transf_matrix[2][2]   1.000000 
_atom_sites.fract_transf_matrix[2][3]   0.000000 
_atom_sites.fract_transf_matrix[3][1]   0.000000 
_atom_sites.fract_transf_matrix[3][2]   0.000000 
_atom_sites.fract_transf_matrix[3][3]   1.000000 
_atom_sites.fract_transf_vector[1]      0.00000 
_atom_sites.fract_transf_vector[2]      0.00000 
_atom_sites.fract_transf_vector[3]      0.00000 
# 
loop_
_atom_type.symbol 
C  
CD 
H  
N  
O  
S  
# 
loop_
_atom_site.group_PDB 
_atom_site.id 
_atom_site.type_symbol 
_atom_site.label_atom_id 
_atom_site.label_alt_id 
_atom_site.label_comp_id 
_atom_site.label_asym_id 
_atom_site.label_entity_id 
_atom_site.label_seq_id 
_atom_site.pdbx_PDB_ins_code 
_atom_site.Cartn_x 
_atom_site.Cartn_y 
_atom_site.Cartn_z 
_atom_site.occupancy 
_atom_site.B_iso_or_equiv 
_atom_site.pdbx_formal_charge 
_atom_site.auth_seq_id 
_atom_site.auth_comp_id 
_atom_site.auth_asym_id 
_atom_site.auth_atom_id 
_atom_site.pdbx_PDB_model_num 
ATOM   1   N  N    . ILE A 1 1  ? 10.370 -0.810  1.601   1.00 0.00 ? 37  ILE A N    1 
ATOM   2   C  CA   . ILE A 1 1  ? 9.138  -1.163  0.915   1.00 0.00 ? 37  ILE A CA   1 
ATOM   3   C  C    . ILE A 1 1  ? 8.033  -0.187  1.323   1.00 0.00 ? 37  ILE A C    1 
ATOM   4   O  O    . ILE A 1 1  ? 8.272  0.736   2.101   1.00 0.00 ? 37  ILE A O    1 
ATOM   5   C  CB   . ILE A 1 1  ? 8.787  -2.631  1.165   1.00 0.00 ? 37  ILE A CB   1 
ATOM   6   C  CG1  . ILE A 1 1  ? 10.051 -3.475  1.341   1.00 0.00 ? 37  ILE A CG1  1 
ATOM   7   C  CG2  . ILE A 1 1  ? 7.883  -3.175  0.058   1.00 0.00 ? 37  ILE A CG2  1 
ATOM   8   C  CD1  . ILE A 1 1  ? 9.700  -4.914  1.724   1.00 0.00 ? 37  ILE A CD1  1 
ATOM   9   H  H    . ILE A 1 1  ? 10.446 -1.156  2.536   1.00 0.00 ? 37  ILE A H    1 
ATOM   10  H  HA   . ILE A 1 1  ? 9.319  -1.054  -0.155  1.00 0.00 ? 37  ILE A HA   1 
ATOM   11  H  HB   . ILE A 1 1  ? 8.227  -2.692  2.098   1.00 0.00 ? 37  ILE A HB   1 
ATOM   12  H  HG12 . ILE A 1 1  ? 10.627 -3.471  0.416   1.00 0.00 ? 37  ILE A HG12 1 
ATOM   13  H  HG13 . ILE A 1 1  ? 10.683 -3.035  2.112   1.00 0.00 ? 37  ILE A HG13 1 
ATOM   14  H  HG21 . ILE A 1 1  ? 8.007  -2.572  -0.841  1.00 0.00 ? 37  ILE A HG21 1 
ATOM   15  H  HG22 . ILE A 1 1  ? 8.154  -4.209  -0.158  1.00 0.00 ? 37  ILE A HG22 1 
ATOM   16  H  HG23 . ILE A 1 1  ? 6.844  -3.133  0.383   1.00 0.00 ? 37  ILE A HG23 1 
ATOM   17  H  HD11 . ILE A 1 1  ? 8.666  -4.958  2.065   1.00 0.00 ? 37  ILE A HD11 1 
ATOM   18  H  HD12 . ILE A 1 1  ? 9.822  -5.562  0.855   1.00 0.00 ? 37  ILE A HD12 1 
ATOM   19  H  HD13 . ILE A 1 1  ? 10.360 -5.250  2.523   1.00 0.00 ? 37  ILE A HD13 1 
ATOM   20  N  N    . CYS A 1 2  ? 6.848  -0.423  0.780   1.00 0.00 ? 38  CYS A N    1 
ATOM   21  C  CA   . CYS A 1 2  ? 5.706  0.423   1.079   1.00 0.00 ? 38  CYS A CA   1 
ATOM   22  C  C    . CYS A 1 2  ? 5.673  0.671   2.587   1.00 0.00 ? 38  CYS A C    1 
ATOM   23  O  O    . CYS A 1 2  ? 5.401  -0.243  3.365   1.00 0.00 ? 38  CYS A O    1 
ATOM   24  C  CB   . CYS A 1 2  ? 4.399  -0.191  0.572   1.00 0.00 ? 38  CYS A CB   1 
ATOM   25  S  SG   . CYS A 1 2  ? 2.970  0.711   1.275   1.00 0.00 ? 38  CYS A SG   1 
ATOM   26  H  H    . CYS A 1 2  ? 6.663  -1.176  0.148   1.00 0.00 ? 38  CYS A H    1 
ATOM   27  H  HA   . CYS A 1 2  ? 5.858  1.356   0.535   1.00 0.00 ? 38  CYS A HA   1 
ATOM   28  H  HB2  . CYS A 1 2  ? 4.366  -0.150  -0.516  1.00 0.00 ? 38  CYS A HB2  1 
ATOM   29  H  HB3  . CYS A 1 2  ? 4.350  -1.243  0.854   1.00 0.00 ? 38  CYS A HB3  1 
ATOM   30  N  N    . THR A 1 3  ? 5.955  1.912   2.957   1.00 0.00 ? 39  THR A N    1 
ATOM   31  C  CA   . THR A 1 3  ? 5.961  2.292   4.359   1.00 0.00 ? 39  THR A CA   1 
ATOM   32  C  C    . THR A 1 3  ? 4.535  2.556   4.847   1.00 0.00 ? 39  THR A C    1 
ATOM   33  O  O    . THR A 1 3  ? 4.271  2.530   6.048   1.00 0.00 ? 39  THR A O    1 
ATOM   34  C  CB   . THR A 1 3  ? 6.890  3.497   4.518   1.00 0.00 ? 39  THR A CB   1 
ATOM   35  O  OG1  . THR A 1 3  ? 8.198  2.931   4.511   1.00 0.00 ? 39  THR A OG1  1 
ATOM   36  C  CG2  . THR A 1 3  ? 6.774  4.148   5.899   1.00 0.00 ? 39  THR A CG2  1 
ATOM   37  H  H    . THR A 1 3  ? 6.175  2.650   2.319   1.00 0.00 ? 39  THR A H    1 
ATOM   38  H  HA   . THR A 1 3  ? 6.347  1.455   4.940   1.00 0.00 ? 39  THR A HA   1 
ATOM   39  H  HB   . THR A 1 3  ? 6.719  4.227   3.728   1.00 0.00 ? 39  THR A HB   1 
ATOM   40  H  HG1  . THR A 1 3  ? 8.741  3.333   3.774   1.00 0.00 ? 39  THR A HG1  1 
ATOM   41  H  HG21 . THR A 1 3  ? 6.984  3.406   6.669   1.00 0.00 ? 39  THR A HG21 1 
ATOM   42  H  HG22 . THR A 1 3  ? 7.491  4.966   5.976   1.00 0.00 ? 39  THR A HG22 1 
ATOM   43  H  HG23 . THR A 1 3  ? 5.764  4.536   6.034   1.00 0.00 ? 39  THR A HG23 1 
ATOM   44  N  N    . ASN A 1 4  ? 3.653  2.803   3.890   1.00 0.00 ? 40  ASN A N    1 
ATOM   45  C  CA   . ASN A 1 4  ? 2.260  3.071   4.206   1.00 0.00 ? 40  ASN A CA   1 
ATOM   46  C  C    . ASN A 1 4  ? 1.652  1.845   4.891   1.00 0.00 ? 40  ASN A C    1 
ATOM   47  O  O    . ASN A 1 4  ? 1.240  0.898   4.223   1.00 0.00 ? 40  ASN A O    1 
ATOM   48  C  CB   . ASN A 1 4  ? 1.452  3.354   2.938   1.00 0.00 ? 40  ASN A CB   1 
ATOM   49  C  CG   . ASN A 1 4  ? 0.064  3.899   3.283   1.00 0.00 ? 40  ASN A CG   1 
ATOM   50  O  OD1  . ASN A 1 4  ? -0.215 4.294   4.403   1.00 0.00 ? 40  ASN A OD1  1 
ATOM   51  N  ND2  . ASN A 1 4  ? -0.786 3.898   2.261   1.00 0.00 ? 40  ASN A ND2  1 
ATOM   52  H  H    . ASN A 1 4  ? 3.876  2.822   2.915   1.00 0.00 ? 40  ASN A H    1 
ATOM   53  H  HA   . ASN A 1 4  ? 2.278  3.946   4.856   1.00 0.00 ? 40  ASN A HA   1 
ATOM   54  H  HB2  . ASN A 1 4  ? 1.984  4.074   2.317   1.00 0.00 ? 40  ASN A HB2  1 
ATOM   55  H  HB3  . ASN A 1 4  ? 1.353  2.440   2.354   1.00 0.00 ? 40  ASN A HB3  1 
ATOM   56  H  HD21 . ASN A 1 4  ? -0.494 3.559   1.367   1.00 0.00 ? 40  ASN A HD21 1 
ATOM   57  H  HD22 . ASN A 1 4  ? -1.719 4.236   2.387   1.00 0.00 ? 40  ASN A HD22 1 
ATOM   58  N  N    . ALA A 1 5  ? 1.617  1.903   6.214   1.00 0.00 ? 41  ALA A N    1 
ATOM   59  C  CA   . ALA A 1 5  ? 1.066  0.809   6.995   1.00 0.00 ? 41  ALA A CA   1 
ATOM   60  C  C    . ALA A 1 5  ? -0.452 0.769   6.809   1.00 0.00 ? 41  ALA A C    1 
ATOM   61  O  O    . ALA A 1 5  ? -1.111 -0.171  7.254   1.00 0.00 ? 41  ALA A O    1 
ATOM   62  C  CB   . ALA A 1 5  ? 1.469  0.977   8.462   1.00 0.00 ? 41  ALA A CB   1 
ATOM   63  H  H    . ALA A 1 5  ? 1.953  2.678   6.749   1.00 0.00 ? 41  ALA A H    1 
ATOM   64  H  HA   . ALA A 1 5  ? 1.495  -0.118  6.618   1.00 0.00 ? 41  ALA A HA   1 
ATOM   65  H  HB1  . ALA A 1 5  ? 2.407  1.527   8.520   1.00 0.00 ? 41  ALA A HB1  1 
ATOM   66  H  HB2  . ALA A 1 5  ? 0.691  1.528   8.992   1.00 0.00 ? 41  ALA A HB2  1 
ATOM   67  H  HB3  . ALA A 1 5  ? 1.593  -0.005  8.919   1.00 0.00 ? 41  ALA A HB3  1 
ATOM   68  N  N    . ALA A 1 6  ? -0.964 1.799   6.151   1.00 0.00 ? 42  ALA A N    1 
ATOM   69  C  CA   . ALA A 1 6  ? -2.391 1.892   5.900   1.00 0.00 ? 42  ALA A CA   1 
ATOM   70  C  C    . ALA A 1 6  ? -2.766 0.955   4.750   1.00 0.00 ? 42  ALA A C    1 
ATOM   71  O  O    . ALA A 1 6  ? -3.938 0.836   4.398   1.00 0.00 ? 42  ALA A O    1 
ATOM   72  C  CB   . ALA A 1 6  ? -2.765 3.348   5.610   1.00 0.00 ? 42  ALA A CB   1 
ATOM   73  H  H    . ALA A 1 6  ? -0.422 2.558   5.793   1.00 0.00 ? 42  ALA A H    1 
ATOM   74  H  HA   . ALA A 1 6  ? -2.910 1.570   6.804   1.00 0.00 ? 42  ALA A HA   1 
ATOM   75  H  HB1  . ALA A 1 6  ? -2.828 3.500   4.533   1.00 0.00 ? 42  ALA A HB1  1 
ATOM   76  H  HB2  . ALA A 1 6  ? -2.004 4.008   6.027   1.00 0.00 ? 42  ALA A HB2  1 
ATOM   77  H  HB3  . ALA A 1 6  ? -3.730 3.572   6.065   1.00 0.00 ? 42  ALA A HB3  1 
ATOM   78  N  N    . CYS A 1 7  ? -1.747 0.313   4.197   1.00 0.00 ? 43  CYS A N    1 
ATOM   79  C  CA   . CYS A 1 7  ? -1.955 -0.611  3.095   1.00 0.00 ? 43  CYS A CA   1 
ATOM   80  C  C    . CYS A 1 7  ? -2.157 -2.013  3.674   1.00 0.00 ? 43  CYS A C    1 
ATOM   81  O  O    . CYS A 1 7  ? -1.433 -2.425  4.578   1.00 0.00 ? 43  CYS A O    1 
ATOM   82  C  CB   . CYS A 1 7  ? -0.796 -0.567  2.096   1.00 0.00 ? 43  CYS A CB   1 
ATOM   83  S  SG   . CYS A 1 7  ? -1.057 0.786   0.892   1.00 0.00 ? 43  CYS A SG   1 
ATOM   84  H  H    . CYS A 1 7  ? -0.796 0.415   4.490   1.00 0.00 ? 43  CYS A H    1 
ATOM   85  H  HA   . CYS A 1 7  ? -2.849 -0.275  2.569   1.00 0.00 ? 43  CYS A HA   1 
ATOM   86  H  HB2  . CYS A 1 7  ? 0.146  -0.419  2.625   1.00 0.00 ? 43  CYS A HB2  1 
ATOM   87  H  HB3  . CYS A 1 7  ? -0.720 -1.521  1.573   1.00 0.00 ? 43  CYS A HB3  1 
ATOM   88  N  N    . LYS A 1 8  ? -3.146 -2.706  3.128   1.00 0.00 ? 44  LYS A N    1 
ATOM   89  C  CA   . LYS A 1 8  ? -3.453 -4.052  3.579   1.00 0.00 ? 44  LYS A CA   1 
ATOM   90  C  C    . LYS A 1 8  ? -3.381 -5.012  2.390   1.00 0.00 ? 44  LYS A C    1 
ATOM   91  O  O    . LYS A 1 8  ? -4.383 -5.621  2.017   1.00 0.00 ? 44  LYS A O    1 
ATOM   92  C  CB   . LYS A 1 8  ? -4.797 -4.079  4.311   1.00 0.00 ? 44  LYS A CB   1 
ATOM   93  C  CG   . LYS A 1 8  ? -4.757 -5.046  5.496   1.00 0.00 ? 44  LYS A CG   1 
ATOM   94  C  CD   . LYS A 1 8  ? -3.867 -4.503  6.616   1.00 0.00 ? 44  LYS A CD   1 
ATOM   95  C  CE   . LYS A 1 8  ? -4.148 -5.222  7.937   1.00 0.00 ? 44  LYS A CE   1 
ATOM   96  N  NZ   . LYS A 1 8  ? -5.248 -4.553  8.667   1.00 0.00 ? 44  LYS A NZ   1 
ATOM   97  H  H    . LYS A 1 8  ? -3.730 -2.362  2.393   1.00 0.00 ? 44  LYS A H    1 
ATOM   98  H  HA   . LYS A 1 8  ? -2.688 -4.338  4.301   1.00 0.00 ? 44  LYS A HA   1 
ATOM   99  H  HB2  . LYS A 1 8  ? -5.044 -3.077  4.662   1.00 0.00 ? 44  LYS A HB2  1 
ATOM   100 H  HB3  . LYS A 1 8  ? -5.585 -4.377  3.620   1.00 0.00 ? 44  LYS A HB3  1 
ATOM   101 H  HG2  . LYS A 1 8  ? -5.767 -5.205  5.874   1.00 0.00 ? 44  LYS A HG2  1 
ATOM   102 H  HG3  . LYS A 1 8  ? -4.382 -6.015  5.166   1.00 0.00 ? 44  LYS A HG3  1 
ATOM   103 H  HD2  . LYS A 1 8  ? -2.818 -4.628  6.346   1.00 0.00 ? 44  LYS A HD2  1 
ATOM   104 H  HD3  . LYS A 1 8  ? -4.040 -3.433  6.737   1.00 0.00 ? 44  LYS A HD3  1 
ATOM   105 H  HE2  . LYS A 1 8  ? -4.412 -6.261  7.743   1.00 0.00 ? 44  LYS A HE2  1 
ATOM   106 H  HE3  . LYS A 1 8  ? -3.248 -5.231  8.552   1.00 0.00 ? 44  LYS A HE3  1 
ATOM   107 H  HZ1  . LYS A 1 8  ? -5.113 -3.563  8.638   1.00 0.00 ? 44  LYS A HZ1  1 
ATOM   108 H  HZ2  . LYS A 1 8  ? -6.122 -4.784  8.239   1.00 0.00 ? 44  LYS A HZ2  1 
ATOM   109 H  HZ3  . LYS A 1 8  ? -5.252 -4.862  9.619   1.00 0.00 ? 44  LYS A HZ3  1 
ATOM   110 N  N    . CYS A 1 9  ? -2.186 -5.118  1.827   1.00 0.00 ? 45  CYS A N    1 
ATOM   111 C  CA   . CYS A 1 9  ? -1.971 -5.994  0.688   1.00 0.00 ? 45  CYS A CA   1 
ATOM   112 C  C    . CYS A 1 9  ? -1.289 -7.270  1.186   1.00 0.00 ? 45  CYS A C    1 
ATOM   113 O  O    . CYS A 1 9  ? -0.893 -7.354  2.348   1.00 0.00 ? 45  CYS A O    1 
ATOM   114 C  CB   . CYS A 1 9  ? -1.159 -5.305  -0.410  1.00 0.00 ? 45  CYS A CB   1 
ATOM   115 S  SG   . CYS A 1 9  ? -1.339 -3.488  -0.273  1.00 0.00 ? 45  CYS A SG   1 
ATOM   116 H  H    . CYS A 1 9  ? -1.376 -4.620  2.137   1.00 0.00 ? 45  CYS A H    1 
ATOM   117 H  HA   . CYS A 1 9  ? -2.954 -6.217  0.275   1.00 0.00 ? 45  CYS A HA   1 
ATOM   118 H  HB2  . CYS A 1 9  ? -0.108 -5.581  -0.325  1.00 0.00 ? 45  CYS A HB2  1 
ATOM   119 H  HB3  . CYS A 1 9  ? -1.499 -5.639  -1.389  1.00 0.00 ? 45  CYS A HB3  1 
ATOM   120 N  N    . ALA A 1 10 ? -1.171 -8.231  0.282   1.00 0.00 ? 46  ALA A N    1 
ATOM   121 C  CA   . ALA A 1 10 ? -0.544 -9.499  0.615   1.00 0.00 ? 46  ALA A CA   1 
ATOM   122 C  C    . ALA A 1 10 ? 0.606  -9.765  -0.360  1.00 0.00 ? 46  ALA A C    1 
ATOM   123 O  O    . ALA A 1 10 ? 0.624  -9.226  -1.466  1.00 0.00 ? 46  ALA A O    1 
ATOM   124 C  CB   . ALA A 1 10 ? -1.595 -10.610 0.594   1.00 0.00 ? 46  ALA A CB   1 
ATOM   125 H  H    . ALA A 1 10 ? -1.496 -8.155  -0.660  1.00 0.00 ? 46  ALA A H    1 
ATOM   126 H  HA   . ALA A 1 10 ? -0.141 -9.416  1.624   1.00 0.00 ? 46  ALA A HA   1 
ATOM   127 H  HB1  . ALA A 1 10 ? -1.143 -11.544 0.927   1.00 0.00 ? 46  ALA A HB1  1 
ATOM   128 H  HB2  . ALA A 1 10 ? -2.416 -10.346 1.261   1.00 0.00 ? 46  ALA A HB2  1 
ATOM   129 H  HB3  . ALA A 1 10 ? -1.976 -10.732 -0.420  1.00 0.00 ? 46  ALA A HB3  1 
ATOM   130 N  N    . ASN A 1 11 ? 1.535  -10.598 0.085   1.00 0.00 ? 47  ASN A N    1 
ATOM   131 C  CA   . ASN A 1 11 ? 2.685  -10.942 -0.734  1.00 0.00 ? 47  ASN A CA   1 
ATOM   132 C  C    . ASN A 1 11 ? 2.233  -11.138 -2.183  1.00 0.00 ? 47  ASN A C    1 
ATOM   133 O  O    . ASN A 1 11 ? 1.735  -12.203 -2.543  1.00 0.00 ? 47  ASN A O    1 
ATOM   134 C  CB   . ASN A 1 11 ? 3.328  -12.247 -0.260  1.00 0.00 ? 47  ASN A CB   1 
ATOM   135 C  CG   . ASN A 1 11 ? 4.855  -12.156 -0.312  1.00 0.00 ? 47  ASN A CG   1 
ATOM   136 O  OD1  . ASN A 1 11 ? 5.441  -11.089 -0.247  1.00 0.00 ? 47  ASN A OD1  1 
ATOM   137 N  ND2  . ASN A 1 11 ? 5.463  -13.334 -0.431  1.00 0.00 ? 47  ASN A ND2  1 
ATOM   138 H  H    . ASN A 1 11 ? 1.513  -11.033 0.985   1.00 0.00 ? 47  ASN A H    1 
ATOM   139 H  HA   . ASN A 1 11 ? 3.377  -10.107 -0.622  1.00 0.00 ? 47  ASN A HA   1 
ATOM   140 H  HB2  . ASN A 1 11 ? 3.009  -12.465 0.760   1.00 0.00 ? 47  ASN A HB2  1 
ATOM   141 H  HB3  . ASN A 1 11 ? 2.987  -13.073 -0.884  1.00 0.00 ? 47  ASN A HB3  1 
ATOM   142 H  HD21 . ASN A 1 11 ? 4.922  -14.173 -0.479  1.00 0.00 ? 47  ASN A HD21 1 
ATOM   143 H  HD22 . ASN A 1 11 ? 6.461  -13.379 -0.474  1.00 0.00 ? 47  ASN A HD22 1 
ATOM   144 N  N    . GLY A 1 12 ? 2.424  -10.093 -2.975  1.00 0.00 ? 48  GLY A N    1 
ATOM   145 C  CA   . GLY A 1 12 ? 2.043  -10.136 -4.376  1.00 0.00 ? 48  GLY A CA   1 
ATOM   146 C  C    . GLY A 1 12 ? 1.864  -8.725  -4.940  1.00 0.00 ? 48  GLY A C    1 
ATOM   147 O  O    . GLY A 1 12 ? 2.158  -8.478  -6.108  1.00 0.00 ? 48  GLY A O    1 
ATOM   148 H  H    . GLY A 1 12 ? 2.830  -9.230  -2.674  1.00 0.00 ? 48  GLY A H    1 
ATOM   149 H  HA2  . GLY A 1 12 ? 2.804  -10.666 -4.948  1.00 0.00 ? 48  GLY A HA2  1 
ATOM   150 H  HA3  . GLY A 1 12 ? 1.114  -10.696 -4.486  1.00 0.00 ? 48  GLY A HA3  1 
ATOM   151 N  N    . CYS A 1 13 ? 1.384  -7.836  -4.083  1.00 0.00 ? 49  CYS A N    1 
ATOM   152 C  CA   . CYS A 1 13 ? 1.164  -6.456  -4.480  1.00 0.00 ? 49  CYS A CA   1 
ATOM   153 C  C    . CYS A 1 13 ? 2.517  -5.834  -4.828  1.00 0.00 ? 49  CYS A C    1 
ATOM   154 O  O    . CYS A 1 13 ? 3.519  -6.106  -4.167  1.00 0.00 ? 49  CYS A O    1 
ATOM   155 C  CB   . CYS A 1 13 ? 0.435  -5.663  -3.394  1.00 0.00 ? 49  CYS A CB   1 
ATOM   156 S  SG   . CYS A 1 13 ? -0.588 -4.351  -4.156  1.00 0.00 ? 49  CYS A SG   1 
ATOM   157 H  H    . CYS A 1 13 ? 1.148  -8.045  -3.134  1.00 0.00 ? 49  CYS A H    1 
ATOM   158 H  HA   . CYS A 1 13 ? 0.514  -6.482  -5.354  1.00 0.00 ? 49  CYS A HA   1 
ATOM   159 H  HB2  . CYS A 1 13 ? -0.196 -6.331  -2.807  1.00 0.00 ? 49  CYS A HB2  1 
ATOM   160 H  HB3  . CYS A 1 13 ? 1.157  -5.221  -2.708  1.00 0.00 ? 49  CYS A HB3  1 
ATOM   161 N  N    . LYS A 1 14 ? 2.505  -5.011  -5.866  1.00 0.00 ? 50  LYS A N    1 
ATOM   162 C  CA   . LYS A 1 14 ? 3.720  -4.349  -6.311  1.00 0.00 ? 50  LYS A CA   1 
ATOM   163 C  C    . LYS A 1 14 ? 3.808  -2.966  -5.662  1.00 0.00 ? 50  LYS A C    1 
ATOM   164 O  O    . LYS A 1 14 ? 4.170  -1.990  -6.318  1.00 0.00 ? 50  LYS A O    1 
ATOM   165 C  CB   . LYS A 1 14 ? 3.784  -4.315  -7.839  1.00 0.00 ? 50  LYS A CB   1 
ATOM   166 C  CG   . LYS A 1 14 ? 5.128  -3.764  -8.320  1.00 0.00 ? 50  LYS A CG   1 
ATOM   167 C  CD   . LYS A 1 14 ? 5.559  -4.431  -9.627  1.00 0.00 ? 50  LYS A CD   1 
ATOM   168 C  CE   . LYS A 1 14 ? 6.985  -4.024  -10.006 1.00 0.00 ? 50  LYS A CE   1 
ATOM   169 N  NZ   . LYS A 1 14 ? 7.000  -3.366  -11.333 1.00 0.00 ? 50  LYS A NZ   1 
ATOM   170 H  H    . LYS A 1 14 ? 1.688  -4.795  -6.400  1.00 0.00 ? 50  LYS A H    1 
ATOM   171 H  HA   . LYS A 1 14 ? 4.564  -4.946  -5.966  1.00 0.00 ? 50  LYS A HA   1 
ATOM   172 H  HB2  . LYS A 1 14 ? 3.638  -5.321  -8.236  1.00 0.00 ? 50  LYS A HB2  1 
ATOM   173 H  HB3  . LYS A 1 14 ? 2.974  -3.700  -8.228  1.00 0.00 ? 50  LYS A HB3  1 
ATOM   174 H  HG2  . LYS A 1 14 ? 5.051  -2.686  -8.466  1.00 0.00 ? 50  LYS A HG2  1 
ATOM   175 H  HG3  . LYS A 1 14 ? 5.887  -3.928  -7.555  1.00 0.00 ? 50  LYS A HG3  1 
ATOM   176 H  HD2  . LYS A 1 14 ? 5.503  -5.514  -9.522  1.00 0.00 ? 50  LYS A HD2  1 
ATOM   177 H  HD3  . LYS A 1 14 ? 4.872  -4.153  -10.426 1.00 0.00 ? 50  LYS A HD3  1 
ATOM   178 H  HE2  . LYS A 1 14 ? 7.388  -3.346  -9.254  1.00 0.00 ? 50  LYS A HE2  1 
ATOM   179 H  HE3  . LYS A 1 14 ? 7.629  -4.902  -10.022 1.00 0.00 ? 50  LYS A HE3  1 
ATOM   180 H  HZ1  . LYS A 1 14 ? 6.348  -2.607  -11.336 1.00 0.00 ? 50  LYS A HZ1  1 
ATOM   181 H  HZ2  . LYS A 1 14 ? 7.918  -3.019  -11.522 1.00 0.00 ? 50  LYS A HZ2  1 
ATOM   182 H  HZ3  . LYS A 1 14 ? 6.743  -4.029  -12.036 1.00 0.00 ? 50  LYS A HZ3  1 
ATOM   183 N  N    . CYS A 1 15 ? 3.470  -2.926  -4.382  1.00 0.00 ? 51  CYS A N    1 
ATOM   184 C  CA   . CYS A 1 15 ? 3.507  -1.679  -3.636  1.00 0.00 ? 51  CYS A CA   1 
ATOM   185 C  C    . CYS A 1 15 ? 4.965  -1.363  -3.300  1.00 0.00 ? 51  CYS A C    1 
ATOM   186 O  O    . CYS A 1 15 ? 5.330  -1.268  -2.130  1.00 0.00 ? 51  CYS A O    1 
ATOM   187 C  CB   . CYS A 1 15 ? 2.633  -1.744  -2.381  1.00 0.00 ? 51  CYS A CB   1 
ATOM   188 S  SG   . CYS A 1 15 ? 1.182  -0.647  -2.572  1.00 0.00 ? 51  CYS A SG   1 
ATOM   189 H  H    . CYS A 1 15 ? 3.176  -3.724  -3.855  1.00 0.00 ? 51  CYS A H    1 
ATOM   190 H  HA   . CYS A 1 15 ? 3.084  -0.913  -4.287  1.00 0.00 ? 51  CYS A HA   1 
ATOM   191 H  HB2  . CYS A 1 15 ? 2.304  -2.769  -2.210  1.00 0.00 ? 51  CYS A HB2  1 
ATOM   192 H  HB3  . CYS A 1 15 ? 3.214  -1.446  -1.509  1.00 0.00 ? 51  CYS A HB3  1 
ATOM   193 N  N    . GLY A 1 16 ? 5.760  -1.206  -4.349  1.00 0.00 ? 52  GLY A N    1 
ATOM   194 C  CA   . GLY A 1 16 ? 7.171  -0.902  -4.180  1.00 0.00 ? 52  GLY A CA   1 
ATOM   195 C  C    . GLY A 1 16 ? 7.500  0.492   -4.717  1.00 0.00 ? 52  GLY A C    1 
ATOM   196 O  O    . GLY A 1 16 ? 8.313  1.209   -4.137  1.00 0.00 ? 52  GLY A O    1 
ATOM   197 H  H    . GLY A 1 16 ? 5.455  -1.284  -5.299  1.00 0.00 ? 52  GLY A H    1 
ATOM   198 H  HA2  . GLY A 1 16 ? 7.435  -0.960  -3.124  1.00 0.00 ? 52  GLY A HA2  1 
ATOM   199 H  HA3  . GLY A 1 16 ? 7.773  -1.647  -4.701  1.00 0.00 ? 52  GLY A HA3  1 
ATOM   200 N  N    . SER A 1 17 ? 6.848  0.835   -5.820  1.00 0.00 ? 53  SER A N    1 
ATOM   201 C  CA   . SER A 1 17 ? 7.062  2.131   -6.442  1.00 0.00 ? 53  SER A CA   1 
ATOM   202 C  C    . SER A 1 17 ? 5.791  2.578   -7.166  1.00 0.00 ? 53  SER A C    1 
ATOM   203 O  O    . SER A 1 17 ? 5.850  3.034   -8.307  1.00 0.00 ? 53  SER A O    1 
ATOM   204 C  CB   . SER A 1 17 ? 8.241  2.087   -7.417  1.00 0.00 ? 53  SER A CB   1 
ATOM   205 O  OG   . SER A 1 17 ? 9.089  3.224   -7.279  1.00 0.00 ? 53  SER A OG   1 
ATOM   206 H  H    . SER A 1 17 ? 6.188  0.246   -6.286  1.00 0.00 ? 53  SER A H    1 
ATOM   207 H  HA   . SER A 1 17 ? 7.294  2.810   -5.622  1.00 0.00 ? 53  SER A HA   1 
ATOM   208 H  HB2  . SER A 1 17 ? 8.820  1.180   -7.244  1.00 0.00 ? 53  SER A HB2  1 
ATOM   209 H  HB3  . SER A 1 17 ? 7.864  2.036   -8.438  1.00 0.00 ? 53  SER A HB3  1 
ATOM   210 H  HG   . SER A 1 17 ? 8.574  4.060   -7.469  1.00 0.00 ? 53  SER A HG   1 
ATOM   211 N  N    . GLY A 1 18 ? 4.671  2.431   -6.475  1.00 0.00 ? 54  GLY A N    1 
ATOM   212 C  CA   . GLY A 1 18 ? 3.387  2.815   -7.037  1.00 0.00 ? 54  GLY A CA   1 
ATOM   213 C  C    . GLY A 1 18 ? 2.296  2.816   -5.966  1.00 0.00 ? 54  GLY A C    1 
ATOM   214 O  O    . GLY A 1 18 ? 1.234  2.226   -6.155  1.00 0.00 ? 54  GLY A O    1 
ATOM   215 H  H    . GLY A 1 18 ? 4.630  2.059   -5.548  1.00 0.00 ? 54  GLY A H    1 
ATOM   216 H  HA2  . GLY A 1 18 ? 3.463  3.807   -7.485  1.00 0.00 ? 54  GLY A HA2  1 
ATOM   217 H  HA3  . GLY A 1 18 ? 3.116  2.126   -7.837  1.00 0.00 ? 54  GLY A HA3  1 
ATOM   218 N  N    . CYS A 1 19 ? 2.596  3.485   -4.861  1.00 0.00 ? 55  CYS A N    1 
ATOM   219 C  CA   . CYS A 1 19 ? 1.653  3.571   -3.759  1.00 0.00 ? 55  CYS A CA   1 
ATOM   220 C  C    . CYS A 1 19 ? 0.635  4.665   -4.081  1.00 0.00 ? 55  CYS A C    1 
ATOM   221 O  O    . CYS A 1 19 ? 0.970  5.661   -4.720  1.00 0.00 ? 55  CYS A O    1 
ATOM   222 C  CB   . CYS A 1 19 ? 2.363  3.826   -2.428  1.00 0.00 ? 55  CYS A CB   1 
ATOM   223 S  SG   . CYS A 1 19 ? 1.210  3.531   -1.037  1.00 0.00 ? 55  CYS A SG   1 
ATOM   224 H  H    . CYS A 1 19 ? 3.462  3.962   -4.715  1.00 0.00 ? 55  CYS A H    1 
ATOM   225 H  HA   . CYS A 1 19 ? 1.167  2.598   -3.687  1.00 0.00 ? 55  CYS A HA   1 
ATOM   226 H  HB2  . CYS A 1 19 ? 3.230  3.172   -2.336  1.00 0.00 ? 55  CYS A HB2  1 
ATOM   227 H  HB3  . CYS A 1 19 ? 2.733  4.851   -2.393  1.00 0.00 ? 55  CYS A HB3  1 
ATOM   228 N  N    . SER A 1 20 ? -0.589 4.443   -3.625  1.00 0.00 ? 56  SER A N    1 
ATOM   229 C  CA   . SER A 1 20 ? -1.659 5.398   -3.857  1.00 0.00 ? 56  SER A CA   1 
ATOM   230 C  C    . SER A 1 20 ? -2.736 5.251   -2.779  1.00 0.00 ? 56  SER A C    1 
ATOM   231 O  O    . SER A 1 20 ? -3.887 4.943   -3.084  1.00 0.00 ? 56  SER A O    1 
ATOM   232 C  CB   . SER A 1 20 ? -2.272 5.213   -5.247  1.00 0.00 ? 56  SER A CB   1 
ATOM   233 O  OG   . SER A 1 20 ? -1.966 6.302   -6.114  1.00 0.00 ? 56  SER A OG   1 
ATOM   234 H  H    . SER A 1 20 ? -0.853 3.630   -3.107  1.00 0.00 ? 56  SER A H    1 
ATOM   235 H  HA   . SER A 1 20 ? -1.189 6.379   -3.796  1.00 0.00 ? 56  SER A HA   1 
ATOM   236 H  HB2  . SER A 1 20 ? -1.902 4.286   -5.685  1.00 0.00 ? 56  SER A HB2  1 
ATOM   237 H  HB3  . SER A 1 20 ? -3.353 5.114   -5.156  1.00 0.00 ? 56  SER A HB3  1 
ATOM   238 H  HG   . SER A 1 20 ? -1.234 6.042   -6.743  1.00 0.00 ? 56  SER A HG   1 
ATOM   239 N  N    . CYS A 1 21 ? -2.323 5.477   -1.541  1.00 0.00 ? 57  CYS A N    1 
ATOM   240 C  CA   . CYS A 1 21 ? -3.236 5.371   -0.416  1.00 0.00 ? 57  CYS A CA   1 
ATOM   241 C  C    . CYS A 1 21 ? -2.782 6.355   0.665   1.00 0.00 ? 57  CYS A C    1 
ATOM   242 O  O    . CYS A 1 21 ? -1.617 6.747   0.703   1.00 0.00 ? 57  CYS A O    1 
ATOM   243 C  CB   . CYS A 1 21 ? -3.320 3.939   0.115   1.00 0.00 ? 57  CYS A CB   1 
ATOM   244 S  SG   . CYS A 1 21 ? -3.837 2.805   -1.226  1.00 0.00 ? 57  CYS A SG   1 
ATOM   245 H  H    . CYS A 1 21 ? -1.384 5.725   -1.301  1.00 0.00 ? 57  CYS A H    1 
ATOM   246 H  HA   . CYS A 1 21 ? -4.225 5.638   -0.790  1.00 0.00 ? 57  CYS A HA   1 
ATOM   247 H  HB2  . CYS A 1 21 ? -2.351 3.631   0.509   1.00 0.00 ? 57  CYS A HB2  1 
ATOM   248 H  HB3  . CYS A 1 21 ? -4.030 3.889   0.939   1.00 0.00 ? 57  CYS A HB3  1 
ATOM   249 N  N    . THR A 1 22 ? -3.726 6.725   1.517   1.00 0.00 ? 58  THR A N    1 
ATOM   250 C  CA   . THR A 1 22 ? -3.438 7.655   2.596   1.00 0.00 ? 58  THR A CA   1 
ATOM   251 C  C    . THR A 1 22 ? -3.577 6.959   3.951   1.00 0.00 ? 58  THR A C    1 
ATOM   252 O  O    . THR A 1 22 ? -3.834 5.757   4.013   1.00 0.00 ? 58  THR A O    1 
ATOM   253 C  CB   . THR A 1 22 ? -4.359 8.865   2.436   1.00 0.00 ? 58  THR A CB   1 
ATOM   254 O  OG1  . THR A 1 22 ? -5.544 8.494   3.137   1.00 0.00 ? 58  THR A OG1  1 
ATOM   255 C  CG2  . THR A 1 22 ? -4.825 9.059   0.992   1.00 0.00 ? 58  THR A CG2  1 
ATOM   256 H  H    . THR A 1 22 ? -4.672 6.402   1.480   1.00 0.00 ? 58  THR A H    1 
ATOM   257 H  HA   . THR A 1 22 ? -2.400 7.974   2.506   1.00 0.00 ? 58  THR A HA   1 
ATOM   258 H  HB   . THR A 1 22 ? -3.885 9.769   2.818   1.00 0.00 ? 58  THR A HB   1 
ATOM   259 H  HG1  . THR A 1 22 ? -5.673 9.090   3.929   1.00 0.00 ? 58  THR A HG1  1 
ATOM   260 H  HG21 . THR A 1 22 ? -3.991 8.882   0.314   1.00 0.00 ? 58  THR A HG21 1 
ATOM   261 H  HG22 . THR A 1 22 ? -5.630 8.357   0.773   1.00 0.00 ? 58  THR A HG22 1 
ATOM   262 H  HG23 . THR A 1 22 ? -5.188 10.080  0.862   1.00 0.00 ? 58  THR A HG23 1 
ATOM   263 N  N    . GLU A 1 23 ? -3.403 7.744   5.005   1.00 0.00 ? 59  GLU A N    1 
ATOM   264 C  CA   . GLU A 1 23 ? -3.506 7.218   6.356   1.00 0.00 ? 59  GLU A CA   1 
ATOM   265 C  C    . GLU A 1 23 ? -4.973 6.984   6.723   1.00 0.00 ? 59  GLU A C    1 
ATOM   266 O  O    . GLU A 1 23 ? -5.613 7.847   7.321   1.00 0.00 ? 59  GLU A O    1 
ATOM   267 C  CB   . GLU A 1 23 ? -2.832 8.154   7.361   1.00 0.00 ? 59  GLU A CB   1 
ATOM   268 C  CG   . GLU A 1 23 ? -3.038 7.658   8.794   1.00 0.00 ? 59  GLU A CG   1 
ATOM   269 C  CD   . GLU A 1 23 ? -2.844 8.795   9.800   1.00 0.00 ? 59  GLU A CD   1 
ATOM   270 O  OE1  . GLU A 1 23 ? -3.762 9.638   9.887   1.00 0.00 ? 59  GLU A OE1  1 
ATOM   271 O  OE2  . GLU A 1 23 ? -1.782 8.793   10.460  1.00 0.00 ? 59  GLU A OE2  1 
ATOM   272 H  H    . GLU A 1 23 ? -3.194 8.720   4.945   1.00 0.00 ? 59  GLU A H    1 
ATOM   273 H  HA   . GLU A 1 23 ? -2.973 6.268   6.338   1.00 0.00 ? 59  GLU A HA   1 
ATOM   274 H  HB2  . GLU A 1 23 ? -1.766 8.219   7.144   1.00 0.00 ? 59  GLU A HB2  1 
ATOM   275 H  HB3  . GLU A 1 23 ? -3.240 9.159   7.259   1.00 0.00 ? 59  GLU A HB3  1 
ATOM   276 H  HG2  . GLU A 1 23 ? -4.040 7.242   8.899   1.00 0.00 ? 59  GLU A HG2  1 
ATOM   277 H  HG3  . GLU A 1 23 ? -2.333 6.854   9.009   1.00 0.00 ? 59  GLU A HG3  1 
ATOM   278 N  N    . GLY A 1 24 ? -5.464 5.811   6.349   1.00 0.00 ? 60  GLY A N    1 
ATOM   279 C  CA   . GLY A 1 24 ? -6.843 5.453   6.631   1.00 0.00 ? 60  GLY A CA   1 
ATOM   280 C  C    . GLY A 1 24 ? -7.672 5.407   5.346   1.00 0.00 ? 60  GLY A C    1 
ATOM   281 O  O    . GLY A 1 24 ? -8.900 5.431   5.395   1.00 0.00 ? 60  GLY A O    1 
ATOM   282 H  H    . GLY A 1 24 ? -4.937 5.114   5.863   1.00 0.00 ? 60  GLY A H    1 
ATOM   283 H  HA2  . GLY A 1 24 ? -6.876 4.481   7.125   1.00 0.00 ? 60  GLY A HA2  1 
ATOM   284 H  HA3  . GLY A 1 24 ? -7.276 6.176   7.322   1.00 0.00 ? 60  GLY A HA3  1 
ATOM   285 N  N    . ASN A 1 25 ? -6.966 5.340   4.227   1.00 0.00 ? 61  ASN A N    1 
ATOM   286 C  CA   . ASN A 1 25 ? -7.622 5.291   2.931   1.00 0.00 ? 61  ASN A CA   1 
ATOM   287 C  C    . ASN A 1 25 ? -6.805 4.409   1.985   1.00 0.00 ? 61  ASN A C    1 
ATOM   288 O  O    . ASN A 1 25 ? -5.944 4.903   1.257   1.00 0.00 ? 61  ASN A O    1 
ATOM   289 C  CB   . ASN A 1 25 ? -7.720 6.686   2.310   1.00 0.00 ? 61  ASN A CB   1 
ATOM   290 C  CG   . ASN A 1 25 ? -8.354 7.678   3.288   1.00 0.00 ? 61  ASN A CG   1 
ATOM   291 O  OD1  . ASN A 1 25 ? -9.437 8.195   3.071   1.00 0.00 ? 61  ASN A OD1  1 
ATOM   292 N  ND2  . ASN A 1 25 ? -7.621 7.913   4.371   1.00 0.00 ? 61  ASN A ND2  1 
ATOM   293 H  H    . ASN A 1 25 ? -5.967 5.321   4.196   1.00 0.00 ? 61  ASN A H    1 
ATOM   294 H  HA   . ASN A 1 25 ? -8.614 4.885   3.127   1.00 0.00 ? 61  ASN A HA   1 
ATOM   295 H  HB2  . ASN A 1 25 ? -6.725 7.033   2.028   1.00 0.00 ? 61  ASN A HB2  1 
ATOM   296 H  HB3  . ASN A 1 25 ? -8.313 6.640   1.397   1.00 0.00 ? 61  ASN A HB3  1 
ATOM   297 H  HD21 . ASN A 1 25 ? -6.739 7.455   4.488   1.00 0.00 ? 61  ASN A HD21 1 
ATOM   298 H  HD22 . ASN A 1 25 ? -7.950 8.548   5.070   1.00 0.00 ? 61  ASN A HD22 1 
ATOM   299 N  N    . CYS A 1 26 ? -7.104 3.118   2.025   1.00 0.00 ? 62  CYS A N    1 
ATOM   300 C  CA   . CYS A 1 26 ? -6.408 2.163   1.180   1.00 0.00 ? 62  CYS A CA   1 
ATOM   301 C  C    . CYS A 1 26 ? -7.415 1.576   0.188   1.00 0.00 ? 62  CYS A C    1 
ATOM   302 O  O    . CYS A 1 26 ? -8.403 0.964   0.591   1.00 0.00 ? 62  CYS A O    1 
ATOM   303 C  CB   . CYS A 1 26 ? -5.719 1.074   2.005   1.00 0.00 ? 62  CYS A CB   1 
ATOM   304 S  SG   . CYS A 1 26 ? -5.241 -0.322  0.924   1.00 0.00 ? 62  CYS A SG   1 
ATOM   305 H  H    . CYS A 1 26 ? -7.806 2.725   2.619   1.00 0.00 ? 62  CYS A H    1 
ATOM   306 H  HA   . CYS A 1 26 ? -5.628 2.716   0.657   1.00 0.00 ? 62  CYS A HA   1 
ATOM   307 H  HB2  . CYS A 1 26 ? -4.838 1.483   2.498   1.00 0.00 ? 62  CYS A HB2  1 
ATOM   308 H  HB3  . CYS A 1 26 ? -6.389 0.724   2.791   1.00 0.00 ? 62  CYS A HB3  1 
ATOM   309 N  N    . ALA A 1 27 ? -7.130 1.784   -1.089  1.00 0.00 ? 63  ALA A N    1 
ATOM   310 C  CA   . ALA A 1 27 ? -7.999 1.284   -2.141  1.00 0.00 ? 63  ALA A CA   1 
ATOM   311 C  C    . ALA A 1 27 ? -7.145 0.638   -3.235  1.00 0.00 ? 63  ALA A C    1 
ATOM   312 O  O    . ALA A 1 27 ? -7.214 1.037   -4.397  1.00 0.00 ? 63  ALA A O    1 
ATOM   313 C  CB   . ALA A 1 27 ? -8.864 2.426   -2.675  1.00 0.00 ? 63  ALA A CB   1 
ATOM   314 H  H    . ALA A 1 27 ? -6.324 2.284   -1.408  1.00 0.00 ? 63  ALA A H    1 
ATOM   315 H  HA   . ALA A 1 27 ? -8.647 0.526   -1.703  1.00 0.00 ? 63  ALA A HA   1 
ATOM   316 H  HB1  . ALA A 1 27 ? -9.793 2.474   -2.107  1.00 0.00 ? 63  ALA A HB1  1 
ATOM   317 H  HB2  . ALA A 1 27 ? -9.091 2.250   -3.726  1.00 0.00 ? 63  ALA A HB2  1 
ATOM   318 H  HB3  . ALA A 1 27 ? -8.327 3.369   -2.571  1.00 0.00 ? 63  ALA A HB3  1 
ATOM   319 N  N    . CYS A 1 28 ? -6.363 -0.349  -2.825  1.00 0.00 ? 64  CYS A N    1 
ATOM   320 C  CA   . CYS A 1 28 ? -5.498 -1.053  -3.757  1.00 0.00 ? 64  CYS A CA   1 
ATOM   321 C  C    . CYS A 1 28 ? -6.368 -1.966  -4.624  1.00 0.00 ? 64  CYS A C    1 
ATOM   322 O  O    . CYS A 1 28 ? -6.569 -1.697  -5.807  1.00 0.00 ? 64  CYS A O    1 
ATOM   323 C  CB   . CYS A 1 28 ? -4.401 -1.834  -3.031  1.00 0.00 ? 64  CYS A CB   1 
ATOM   324 S  SG   . CYS A 1 28 ? -2.910 -0.789  -2.843  1.00 0.00 ? 64  CYS A SG   1 
ATOM   325 H  H    . CYS A 1 28 ? -6.313 -0.667  -1.880  1.00 0.00 ? 64  CYS A H    1 
ATOM   326 H  HA   . CYS A 1 28 ? -5.008 -0.293  -4.366  1.00 0.00 ? 64  CYS A HA   1 
ATOM   327 H  HB2  . CYS A 1 28 ? -4.757 -2.152  -2.051  1.00 0.00 ? 64  CYS A HB2  1 
ATOM   328 H  HB3  . CYS A 1 28 ? -4.154 -2.737  -3.589  1.00 0.00 ? 64  CYS A HB3  1 
HETATM 329 CD CD   . CD  B 2 .  ? -0.754 -2.386  -2.554  1.00 0.00 ? 101 CD  A CD   1 
HETATM 330 CD CD   . CD  C 2 .  ? 1.127  0.987   -0.504  1.00 0.00 ? 102 CD  A CD   1 
HETATM 331 CD CD   . CD  D 2 .  ? -3.285 0.356   -0.550  1.00 0.00 ? 103 CD  A CD   1 
# 
